data_456C
#
_entry.id   456C
#
_cell.length_a   134.004
_cell.length_b   35.622
_cell.length_c   94.875
_cell.angle_alpha   90.00
_cell.angle_beta   131.19
_cell.angle_gamma   90.00
#
_symmetry.space_group_name_H-M   'C 1 2 1'
#
loop_
_entity.id
_entity.type
_entity.pdbx_description
1 polymer MMP-13
2 non-polymer 'ZINC ION'
3 non-polymer 'CALCIUM ION'
4 non-polymer 2-{4-[4-(4-CHLORO-PHENOXY)-BENZENESULFONYL]-TETRAHYDRO-PYRAN-4-YL}-N-HYDROXY-ACETAMIDE
5 water water
#
_entity_poly.entity_id   1
_entity_poly.type   'polypeptide(L)'
_entity_poly.pdbx_seq_one_letter_code
;YNVFPRTLKWSKMNLTYRIVNYTPDMTHSEVEKAFKKAFKVWSDVTPLNFTRLHDGIADIMISFGIKEHGDFYPFDGPSG
LLAHAFPPGPNYGGDAHFDDDETWTSSSKGYNLFLVAAHEFGHSLGLDHSKDPGALMFPIYTYTGKSHFMLPDDDVQGIQ
SLYGPGDE
;
_entity_poly.pdbx_strand_id   A,B
#
loop_
_chem_comp.id
_chem_comp.type
_chem_comp.name
_chem_comp.formula
CA non-polymer 'CALCIUM ION' 'Ca 2'
CBP non-polymer 2-{4-[4-(4-CHLORO-PHENOXY)-BENZENESULFONYL]-TETRAHYDRO-PYRAN-4-YL}-N-HYDROXY-ACETAMIDE 'C19 H20 Cl N O6 S'
ZN non-polymer 'ZINC ION' 'Zn 2'
#
# COMPACT_ATOMS: atom_id res chain seq x y z
N THR A 7 11.53 -4.53 -2.28
CA THR A 7 10.65 -5.58 -1.73
C THR A 7 9.60 -4.95 -0.82
N LEU A 8 8.37 -5.44 -0.94
CA LEU A 8 7.27 -4.93 -0.12
C LEU A 8 7.24 -5.70 1.18
N LYS A 9 7.42 -4.99 2.29
CA LYS A 9 7.41 -5.61 3.61
C LYS A 9 7.13 -4.55 4.66
N TRP A 10 7.07 -4.95 5.92
CA TRP A 10 6.83 -4.04 7.03
C TRP A 10 8.17 -3.54 7.56
N SER A 11 8.30 -2.22 7.66
CA SER A 11 9.51 -1.58 8.14
C SER A 11 9.47 -1.46 9.65
N LYS A 12 9.09 -2.56 10.30
CA LYS A 12 9.01 -2.66 11.75
C LYS A 12 8.66 -4.12 12.02
N MET A 13 9.22 -4.66 13.10
CA MET A 13 9.00 -6.05 13.45
C MET A 13 7.74 -6.20 14.28
N ASN A 14 7.39 -5.14 15.01
CA ASN A 14 6.22 -5.17 15.87
C ASN A 14 4.95 -4.77 15.14
N LEU A 15 4.14 -5.77 14.79
CA LEU A 15 2.89 -5.59 14.07
C LEU A 15 1.71 -5.98 14.94
N THR A 16 0.65 -5.18 14.92
CA THR A 16 -0.55 -5.46 15.71
C THR A 16 -1.66 -6.03 14.82
N TYR A 17 -2.58 -6.79 15.43
CA TYR A 17 -3.67 -7.35 14.66
C TYR A 17 -4.95 -7.35 15.48
N ARG A 18 -6.05 -6.97 14.84
CA ARG A 18 -7.36 -6.93 15.48
C ARG A 18 -8.32 -7.84 14.74
N ILE A 19 -9.03 -8.69 15.47
CA ILE A 19 -10.04 -9.56 14.88
C ILE A 19 -11.31 -8.71 14.96
N VAL A 20 -11.71 -8.15 13.81
CA VAL A 20 -12.87 -7.27 13.72
C VAL A 20 -14.21 -7.91 14.06
N ASN A 21 -14.62 -8.91 13.28
CA ASN A 21 -15.87 -9.60 13.53
C ASN A 21 -15.53 -11.06 13.78
N TYR A 22 -16.53 -11.92 13.76
CA TYR A 22 -16.32 -13.34 14.02
C TYR A 22 -17.17 -14.30 13.19
N THR A 23 -16.55 -15.44 12.84
CA THR A 23 -17.23 -16.46 12.07
C THR A 23 -18.19 -17.20 12.96
N PRO A 24 -19.34 -17.57 12.41
CA PRO A 24 -20.37 -18.29 13.15
C PRO A 24 -19.94 -19.74 13.40
N ASP A 25 -19.10 -20.26 12.51
CA ASP A 25 -18.61 -21.63 12.57
C ASP A 25 -17.82 -22.02 13.81
N MET A 26 -17.07 -21.06 14.37
CA MET A 26 -16.26 -21.36 15.52
C MET A 26 -16.49 -20.39 16.66
N THR A 27 -16.15 -20.81 17.88
CA THR A 27 -16.31 -19.97 19.05
C THR A 27 -15.24 -18.90 18.96
N HIS A 28 -15.45 -17.79 19.66
CA HIS A 28 -14.49 -16.71 19.66
C HIS A 28 -13.11 -17.23 19.95
N SER A 29 -13.02 -18.12 20.94
CA SER A 29 -11.74 -18.71 21.34
C SER A 29 -11.14 -19.62 20.26
N GLU A 30 -11.98 -20.31 19.51
CA GLU A 30 -11.50 -21.18 18.43
C GLU A 30 -10.83 -20.26 17.41
N VAL A 31 -11.55 -19.22 17.03
CA VAL A 31 -11.07 -18.25 16.06
C VAL A 31 -9.76 -17.62 16.52
N GLU A 32 -9.80 -16.97 17.67
CA GLU A 32 -8.62 -16.32 18.26
C GLU A 32 -7.45 -17.28 18.28
N LYS A 33 -7.66 -18.45 18.88
CA LYS A 33 -6.63 -19.47 19.00
C LYS A 33 -6.01 -19.82 17.66
N ALA A 34 -6.85 -20.08 16.67
CA ALA A 34 -6.40 -20.43 15.33
C ALA A 34 -5.58 -19.30 14.72
N PHE A 35 -5.90 -18.07 15.10
CA PHE A 35 -5.19 -16.91 14.58
C PHE A 35 -3.85 -16.77 15.29
N LYS A 36 -3.85 -17.05 16.59
CA LYS A 36 -2.62 -16.98 17.39
C LYS A 36 -1.60 -17.92 16.74
N LYS A 37 -1.99 -19.18 16.58
CA LYS A 37 -1.11 -20.18 16.01
C LYS A 37 -0.56 -19.77 14.65
N ALA A 38 -1.45 -19.26 13.81
CA ALA A 38 -1.12 -18.81 12.45
C ALA A 38 -0.08 -17.69 12.43
N PHE A 39 -0.10 -16.82 13.43
CA PHE A 39 0.88 -15.73 13.51
C PHE A 39 2.21 -16.27 14.04
N LYS A 40 2.13 -17.18 15.01
CA LYS A 40 3.29 -17.79 15.63
C LYS A 40 4.14 -18.52 14.58
N VAL A 41 3.46 -19.12 13.59
CA VAL A 41 4.15 -19.83 12.51
C VAL A 41 5.26 -18.95 11.97
N TRP A 42 4.93 -17.68 11.74
CA TRP A 42 5.85 -16.70 11.18
C TRP A 42 6.76 -16.02 12.19
N SER A 43 6.25 -15.66 13.35
CA SER A 43 7.10 -15.00 14.34
C SER A 43 8.23 -15.94 14.84
N ASP A 44 7.95 -17.24 14.78
CA ASP A 44 8.89 -18.27 15.20
C ASP A 44 10.10 -18.42 14.28
N VAL A 45 10.04 -17.86 13.08
CA VAL A 45 11.17 -17.98 12.16
C VAL A 45 11.74 -16.64 11.71
N THR A 46 11.29 -15.57 12.37
CA THR A 46 11.73 -14.21 12.06
C THR A 46 11.67 -13.45 13.38
N PRO A 47 12.06 -12.16 13.39
CA PRO A 47 12.03 -11.33 14.60
C PRO A 47 10.68 -10.58 14.75
N LEU A 48 9.71 -11.01 13.95
CA LEU A 48 8.37 -10.45 13.94
C LEU A 48 7.63 -10.74 15.25
N ASN A 49 7.00 -9.71 15.81
CA ASN A 49 6.20 -9.80 17.04
C ASN A 49 4.76 -9.49 16.66
N PHE A 50 3.81 -10.29 17.15
CA PHE A 50 2.40 -10.06 16.84
C PHE A 50 1.56 -9.82 18.08
N THR A 51 1.04 -8.61 18.22
CA THR A 51 0.23 -8.27 19.38
C THR A 51 -1.23 -8.07 18.99
N ARG A 52 -2.14 -8.70 19.72
CA ARG A 52 -3.56 -8.58 19.43
C ARG A 52 -4.20 -7.34 20.02
N LEU A 53 -5.08 -6.73 19.24
CA LEU A 53 -5.81 -5.55 19.65
C LEU A 53 -7.28 -5.92 19.60
N HIS A 54 -8.02 -5.54 20.64
CA HIS A 54 -9.44 -5.83 20.68
C HIS A 54 -10.26 -4.81 19.92
N ASP A 55 -9.67 -3.66 19.65
CA ASP A 55 -10.31 -2.58 18.91
C ASP A 55 -9.27 -1.62 18.37
N GLY A 56 -9.72 -0.64 17.59
CA GLY A 56 -8.82 0.33 17.02
C GLY A 56 -8.13 -0.15 15.74
N ILE A 57 -7.23 0.67 15.23
CA ILE A 57 -6.50 0.33 14.02
C ILE A 57 -5.24 -0.49 14.34
N ALA A 58 -5.30 -1.76 13.96
CA ALA A 58 -4.20 -2.68 14.14
C ALA A 58 -3.54 -2.74 12.79
N ASP A 59 -2.39 -3.39 12.69
CA ASP A 59 -1.69 -3.46 11.41
C ASP A 59 -2.33 -4.49 10.50
N ILE A 60 -2.91 -5.52 11.09
CA ILE A 60 -3.53 -6.59 10.34
C ILE A 60 -4.97 -6.79 10.81
N MET A 61 -5.90 -6.13 10.14
CA MET A 61 -7.33 -6.23 10.47
C MET A 61 -7.89 -7.49 9.81
N ILE A 62 -8.36 -8.40 10.64
CA ILE A 62 -8.94 -9.67 10.20
C ILE A 62 -10.45 -9.49 10.12
N SER A 63 -11.08 -10.06 9.10
CA SER A 63 -12.52 -9.96 8.94
C SER A 63 -13.09 -11.16 8.22
N PHE A 64 -14.33 -11.49 8.56
CA PHE A 64 -15.08 -12.57 7.96
C PHE A 64 -16.26 -11.87 7.30
N GLY A 65 -16.28 -11.83 5.97
CA GLY A 65 -17.37 -11.18 5.27
C GLY A 65 -17.72 -11.96 4.05
N ILE A 66 -18.95 -11.82 3.57
CA ILE A 66 -19.39 -12.53 2.38
C ILE A 66 -19.61 -11.56 1.23
N LYS A 67 -19.60 -12.08 0.02
CA LYS A 67 -19.81 -11.28 -1.18
C LYS A 67 -19.03 -9.97 -1.06
N GLU A 68 -19.65 -8.84 -1.46
CA GLU A 68 -18.97 -7.53 -1.36
C GLU A 68 -18.79 -7.22 0.11
N HIS A 69 -17.55 -7.13 0.54
CA HIS A 69 -17.23 -6.85 1.93
C HIS A 69 -16.35 -5.61 2.10
N GLY A 70 -16.32 -4.76 1.08
CA GLY A 70 -15.56 -3.53 1.18
C GLY A 70 -14.26 -3.42 0.44
N ASP A 71 -14.17 -4.04 -0.73
CA ASP A 71 -12.94 -3.98 -1.51
C ASP A 71 -13.11 -4.45 -2.94
N PHE A 72 -12.02 -4.44 -3.69
CA PHE A 72 -12.03 -4.87 -5.08
C PHE A 72 -11.85 -6.38 -5.21
N TYR A 73 -12.18 -7.13 -4.16
CA TYR A 73 -12.04 -8.57 -4.18
C TYR A 73 -13.23 -9.21 -3.49
N PRO A 74 -14.42 -9.07 -4.09
CA PRO A 74 -15.68 -9.62 -3.55
C PRO A 74 -15.66 -11.15 -3.36
N PHE A 75 -16.32 -11.63 -2.31
CA PHE A 75 -16.36 -13.06 -2.06
C PHE A 75 -17.48 -13.76 -2.82
N ASP A 76 -17.11 -14.83 -3.48
CA ASP A 76 -17.98 -15.66 -4.31
C ASP A 76 -18.96 -16.61 -3.61
N GLY A 77 -19.15 -16.47 -2.31
CA GLY A 77 -20.03 -17.38 -1.62
C GLY A 77 -19.29 -18.69 -1.39
N PRO A 78 -20.02 -19.81 -1.18
CA PRO A 78 -19.43 -21.13 -0.94
C PRO A 78 -18.44 -21.49 -2.02
N SER A 79 -17.35 -22.13 -1.61
CA SER A 79 -16.28 -22.54 -2.52
C SER A 79 -15.55 -21.36 -3.14
N GLY A 80 -14.74 -21.66 -4.15
CA GLY A 80 -13.97 -20.65 -4.84
C GLY A 80 -13.04 -19.98 -3.87
N LEU A 81 -12.85 -18.67 -4.04
CA LEU A 81 -12.01 -17.86 -3.18
C LEU A 81 -12.44 -18.10 -1.72
N LEU A 82 -11.56 -18.72 -0.94
CA LEU A 82 -11.82 -19.00 0.47
C LEU A 82 -11.41 -17.81 1.33
N ALA A 83 -10.40 -17.08 0.87
CA ALA A 83 -9.91 -15.92 1.60
C ALA A 83 -8.83 -15.22 0.80
N HIS A 84 -8.50 -14.01 1.21
CA HIS A 84 -7.46 -13.23 0.56
C HIS A 84 -6.94 -12.24 1.59
N ALA A 85 -5.70 -11.80 1.40
CA ALA A 85 -5.07 -10.86 2.31
C ALA A 85 -4.21 -9.91 1.49
N PHE A 86 -3.96 -8.73 2.03
CA PHE A 86 -3.17 -7.73 1.33
C PHE A 86 -1.77 -7.67 1.89
N PRO A 87 -0.76 -7.45 1.02
CA PRO A 87 0.63 -7.37 1.47
C PRO A 87 0.81 -6.10 2.30
N PRO A 88 2.01 -5.89 2.87
CA PRO A 88 2.29 -4.70 3.68
C PRO A 88 1.95 -3.37 3.02
N GLY A 89 1.49 -2.44 3.84
CA GLY A 89 1.11 -1.14 3.33
C GLY A 89 0.10 -0.53 4.28
N PRO A 90 -0.19 0.78 4.12
CA PRO A 90 -1.15 1.50 4.96
C PRO A 90 -2.59 1.10 4.65
N ASN A 91 -3.50 1.55 5.50
CA ASN A 91 -4.93 1.31 5.35
C ASN A 91 -5.33 -0.16 5.44
N TYR A 92 -5.56 -0.76 4.28
CA TYR A 92 -5.97 -2.14 4.18
C TYR A 92 -4.79 -3.06 3.91
N GLY A 93 -3.63 -2.45 3.64
CA GLY A 93 -2.45 -3.26 3.40
C GLY A 93 -2.25 -4.16 4.60
N GLY A 94 -2.00 -5.45 4.36
CA GLY A 94 -1.80 -6.36 5.47
C GLY A 94 -3.07 -6.97 6.03
N ASP A 95 -4.23 -6.42 5.67
CA ASP A 95 -5.51 -6.93 6.18
C ASP A 95 -5.89 -8.26 5.54
N ALA A 96 -6.55 -9.11 6.31
CA ALA A 96 -6.96 -10.43 5.79
C ALA A 96 -8.48 -10.61 5.84
N HIS A 97 -9.04 -11.15 4.76
CA HIS A 97 -10.48 -11.36 4.65
C HIS A 97 -10.78 -12.82 4.36
N PHE A 98 -11.71 -13.39 5.11
CA PHE A 98 -12.14 -14.78 4.99
C PHE A 98 -13.61 -14.83 4.59
N ASP A 99 -13.95 -15.66 3.61
CA ASP A 99 -15.34 -15.75 3.16
C ASP A 99 -16.18 -16.53 4.18
N ASP A 100 -17.13 -15.84 4.80
CA ASP A 100 -17.99 -16.48 5.79
C ASP A 100 -19.07 -17.38 5.22
N ASP A 101 -18.91 -17.75 3.96
CA ASP A 101 -19.82 -18.67 3.29
C ASP A 101 -19.07 -19.98 3.19
N GLU A 102 -17.90 -20.05 3.80
CA GLU A 102 -17.07 -21.25 3.80
C GLU A 102 -17.14 -21.82 5.23
N THR A 103 -17.13 -23.13 5.36
CA THR A 103 -17.20 -23.73 6.70
C THR A 103 -15.81 -23.72 7.31
N TRP A 104 -15.63 -22.83 8.29
CA TRP A 104 -14.37 -22.69 8.99
C TRP A 104 -14.42 -23.64 10.17
N THR A 105 -13.30 -24.28 10.45
CA THR A 105 -13.21 -25.23 11.54
C THR A 105 -11.81 -25.25 12.10
N SER A 106 -11.61 -26.07 13.13
CA SER A 106 -10.32 -26.25 13.74
C SER A 106 -9.95 -27.71 13.52
N SER A 107 -10.86 -28.45 12.90
CA SER A 107 -10.67 -29.86 12.60
C SER A 107 -10.31 -29.95 11.13
N SER A 108 -10.77 -31.01 10.49
CA SER A 108 -10.50 -31.25 9.08
C SER A 108 -11.74 -31.16 8.23
N LYS A 109 -12.90 -31.20 8.88
CA LYS A 109 -14.18 -31.12 8.17
C LYS A 109 -14.35 -29.65 7.85
N GLY A 110 -14.31 -29.31 6.57
CA GLY A 110 -14.41 -27.92 6.20
C GLY A 110 -13.01 -27.33 6.26
N TYR A 111 -12.91 -26.02 6.04
CA TYR A 111 -11.61 -25.36 6.04
C TYR A 111 -11.07 -24.98 7.41
N ASN A 112 -9.90 -25.50 7.71
CA ASN A 112 -9.19 -25.23 8.94
C ASN A 112 -8.75 -23.77 8.97
N LEU A 113 -9.33 -22.97 9.86
CA LEU A 113 -9.00 -21.54 9.97
C LEU A 113 -7.51 -21.28 10.12
N PHE A 114 -6.83 -22.12 10.91
CA PHE A 114 -5.40 -21.96 11.13
C PHE A 114 -4.57 -22.08 9.83
N LEU A 115 -4.79 -23.14 9.07
CA LEU A 115 -4.03 -23.34 7.83
C LEU A 115 -4.25 -22.22 6.82
N VAL A 116 -5.51 -21.81 6.64
CA VAL A 116 -5.81 -20.75 5.70
C VAL A 116 -5.28 -19.42 6.25
N ALA A 117 -5.43 -19.21 7.55
CA ALA A 117 -4.95 -17.98 8.19
C ALA A 117 -3.44 -17.83 8.03
N ALA A 118 -2.69 -18.89 8.30
CA ALA A 118 -1.23 -18.89 8.18
C ALA A 118 -0.81 -18.48 6.78
N HIS A 119 -1.35 -19.14 5.77
CA HIS A 119 -1.06 -18.79 4.37
C HIS A 119 -1.43 -17.32 4.13
N GLU A 120 -2.61 -16.94 4.62
CA GLU A 120 -3.08 -15.59 4.45
C GLU A 120 -2.17 -14.58 5.13
N PHE A 121 -1.70 -14.90 6.34
CA PHE A 121 -0.82 -14.02 7.10
C PHE A 121 0.52 -13.81 6.40
N GLY A 122 0.94 -14.81 5.63
CA GLY A 122 2.17 -14.71 4.87
C GLY A 122 2.01 -13.60 3.84
N HIS A 123 0.81 -13.51 3.26
CA HIS A 123 0.49 -12.47 2.29
C HIS A 123 0.63 -11.12 2.99
N SER A 124 -0.03 -10.95 4.12
CA SER A 124 0.04 -9.70 4.90
C SER A 124 1.49 -9.31 5.19
N LEU A 125 2.33 -10.32 5.41
CA LEU A 125 3.73 -10.12 5.71
C LEU A 125 4.53 -9.75 4.48
N GLY A 126 4.05 -10.15 3.31
CA GLY A 126 4.77 -9.82 2.10
C GLY A 126 5.15 -11.05 1.31
N LEU A 127 4.48 -12.15 1.58
CA LEU A 127 4.75 -13.38 0.85
C LEU A 127 3.81 -13.60 -0.32
N ASP A 128 4.42 -13.92 -1.45
CA ASP A 128 3.75 -14.19 -2.70
C ASP A 128 3.36 -15.63 -2.68
N HIS A 129 2.87 -16.15 -3.80
CA HIS A 129 2.51 -17.56 -3.87
C HIS A 129 3.73 -18.34 -4.38
N SER A 130 3.83 -19.59 -3.94
CA SER A 130 4.94 -20.46 -4.32
C SER A 130 4.55 -21.47 -5.41
N LYS A 131 5.54 -21.88 -6.20
CA LYS A 131 5.36 -22.86 -7.25
C LYS A 131 5.73 -24.22 -6.66
N ASP A 132 6.33 -24.16 -5.47
CA ASP A 132 6.76 -25.33 -4.73
C ASP A 132 5.50 -25.95 -4.15
N PRO A 133 5.09 -27.13 -4.65
CA PRO A 133 3.89 -27.82 -4.17
C PRO A 133 3.86 -28.16 -2.68
N GLY A 134 4.96 -27.86 -1.98
CA GLY A 134 5.03 -28.15 -0.56
C GLY A 134 4.94 -26.92 0.32
N ALA A 135 5.05 -25.74 -0.29
CA ALA A 135 5.01 -24.47 0.45
C ALA A 135 3.63 -24.12 1.00
N LEU A 136 3.61 -23.53 2.18
CA LEU A 136 2.37 -23.10 2.82
C LEU A 136 1.77 -22.03 1.91
N MET A 137 2.63 -21.33 1.19
CA MET A 137 2.21 -20.29 0.25
C MET A 137 1.77 -20.85 -1.09
N PHE A 138 1.74 -22.18 -1.21
CA PHE A 138 1.29 -22.81 -2.44
C PHE A 138 -0.18 -22.40 -2.58
N PRO A 139 -0.56 -21.86 -3.77
CA PRO A 139 -1.89 -21.39 -4.15
C PRO A 139 -3.08 -22.30 -3.85
N ILE A 140 -2.86 -23.61 -3.84
CA ILE A 140 -3.92 -24.55 -3.57
C ILE A 140 -4.00 -24.86 -2.08
N TYR A 141 -5.17 -25.33 -1.66
CA TYR A 141 -5.39 -25.65 -0.26
C TYR A 141 -5.13 -27.11 0.04
N THR A 142 -4.38 -27.36 1.10
CA THR A 142 -4.10 -28.72 1.54
C THR A 142 -4.22 -28.74 3.07
N TYR A 143 -4.81 -29.80 3.61
CA TYR A 143 -4.95 -29.92 5.06
C TYR A 143 -3.93 -30.91 5.61
N THR A 144 -3.45 -30.65 6.82
CA THR A 144 -2.46 -31.51 7.46
C THR A 144 -2.78 -31.58 8.96
N GLY A 145 -2.76 -30.43 9.62
CA GLY A 145 -3.07 -30.36 11.03
C GLY A 145 -2.27 -31.18 12.04
N LYS A 146 -1.64 -30.45 12.95
CA LYS A 146 -0.84 -30.99 14.05
C LYS A 146 -0.15 -29.86 14.81
N SER A 147 -0.52 -29.67 16.07
CA SER A 147 0.06 -28.61 16.92
C SER A 147 1.59 -28.50 16.75
N HIS A 148 2.20 -29.59 16.33
CA HIS A 148 3.63 -29.67 16.07
C HIS A 148 3.74 -29.44 14.55
N PHE A 149 3.23 -28.29 14.12
CA PHE A 149 3.19 -27.87 12.72
C PHE A 149 4.55 -27.42 12.16
N MET A 150 4.89 -27.94 10.99
CA MET A 150 6.15 -27.64 10.34
C MET A 150 5.95 -26.65 9.21
N LEU A 151 6.44 -25.43 9.38
CA LEU A 151 6.34 -24.41 8.34
C LEU A 151 7.38 -24.79 7.28
N PRO A 152 6.93 -25.15 6.05
CA PRO A 152 7.84 -25.55 4.97
C PRO A 152 9.07 -24.66 4.73
N ASP A 153 10.18 -25.32 4.44
CA ASP A 153 11.47 -24.69 4.19
C ASP A 153 11.36 -23.48 3.25
N ASP A 154 10.55 -23.63 2.20
CA ASP A 154 10.36 -22.58 1.21
C ASP A 154 9.84 -21.30 1.86
N ASP A 155 8.79 -21.45 2.67
CA ASP A 155 8.19 -20.32 3.35
C ASP A 155 9.16 -19.70 4.34
N VAL A 156 10.05 -20.53 4.89
CA VAL A 156 11.05 -20.04 5.82
C VAL A 156 11.98 -19.14 5.00
N GLN A 157 12.57 -19.68 3.93
CA GLN A 157 13.47 -18.93 3.06
C GLN A 157 12.85 -17.63 2.58
N GLY A 158 11.56 -17.69 2.26
CA GLY A 158 10.87 -16.51 1.77
C GLY A 158 10.61 -15.45 2.83
N ILE A 159 10.15 -15.86 4.01
CA ILE A 159 9.87 -14.90 5.06
C ILE A 159 11.16 -14.30 5.62
N GLN A 160 12.20 -15.11 5.72
CA GLN A 160 13.48 -14.64 6.24
C GLN A 160 14.18 -13.73 5.25
N SER A 161 13.80 -13.83 3.99
CA SER A 161 14.40 -12.96 2.98
C SER A 161 13.78 -11.59 3.23
N LEU A 162 12.63 -11.61 3.91
CA LEU A 162 11.88 -10.43 4.25
C LEU A 162 12.34 -9.87 5.59
N TYR A 163 12.29 -10.72 6.62
CA TYR A 163 12.62 -10.28 7.96
C TYR A 163 13.79 -10.96 8.67
N GLY A 164 14.53 -11.80 7.95
CA GLY A 164 15.65 -12.48 8.58
C GLY A 164 15.18 -13.62 9.46
N PRO A 165 16.10 -14.39 10.05
CA PRO A 165 15.76 -15.52 10.92
C PRO A 165 15.41 -15.11 12.36
N GLY A 166 14.97 -16.10 13.13
CA GLY A 166 14.63 -15.87 14.52
C GLY A 166 15.92 -15.71 15.29
N LEU B 8 13.92 0.09 -6.67
CA LEU B 8 12.85 -0.05 -7.70
C LEU B 8 12.67 1.35 -8.24
N LYS B 9 12.53 1.47 -9.57
CA LYS B 9 12.39 2.77 -10.20
C LYS B 9 11.87 2.60 -11.63
N TRP B 10 11.90 3.67 -12.41
CA TRP B 10 11.44 3.62 -13.79
C TRP B 10 12.54 3.10 -14.67
N SER B 11 12.17 2.18 -15.55
CA SER B 11 13.09 1.57 -16.48
C SER B 11 13.29 2.60 -17.58
N LYS B 12 12.21 3.31 -17.87
CA LYS B 12 12.18 4.33 -18.89
C LYS B 12 12.49 5.71 -18.32
N MET B 13 13.38 6.45 -18.97
CA MET B 13 13.74 7.79 -18.54
C MET B 13 12.66 8.76 -18.98
N ASN B 14 12.00 8.40 -20.06
CA ASN B 14 10.94 9.21 -20.65
C ASN B 14 9.58 8.79 -20.08
N LEU B 15 9.04 9.59 -19.17
CA LEU B 15 7.74 9.28 -18.57
C LEU B 15 6.67 10.11 -19.25
N THR B 16 5.43 9.77 -18.97
CA THR B 16 4.31 10.46 -19.57
C THR B 16 3.23 10.64 -18.51
N TYR B 17 2.61 11.80 -18.45
CA TYR B 17 1.59 12.05 -17.47
C TYR B 17 0.37 12.62 -18.16
N ARG B 18 -0.77 12.41 -17.54
CA ARG B 18 -2.05 12.88 -18.07
C ARG B 18 -2.84 13.52 -16.94
N ILE B 19 -3.28 14.77 -17.11
CA ILE B 19 -4.08 15.40 -16.07
C ILE B 19 -5.50 14.92 -16.38
N VAL B 20 -5.92 13.88 -15.65
CA VAL B 20 -7.23 13.28 -15.85
C VAL B 20 -8.38 14.26 -15.68
N ASN B 21 -8.40 14.98 -14.56
CA ASN B 21 -9.46 15.97 -14.31
C ASN B 21 -8.91 17.18 -13.56
N TYR B 22 -9.79 18.12 -13.22
CA TYR B 22 -9.35 19.35 -12.56
C TYR B 22 -10.08 19.75 -11.29
N THR B 23 -9.45 20.68 -10.56
CA THR B 23 -10.00 21.23 -9.35
C THR B 23 -10.74 22.50 -9.74
N PRO B 24 -11.84 22.79 -9.06
CA PRO B 24 -12.64 24.00 -9.32
C PRO B 24 -11.96 25.26 -8.79
N ASP B 25 -10.90 25.07 -8.00
CA ASP B 25 -10.15 26.17 -7.38
C ASP B 25 -9.23 26.96 -8.29
N MET B 26 -8.68 26.29 -9.30
CA MET B 26 -7.74 26.93 -10.22
C MET B 26 -8.17 26.78 -11.67
N THR B 27 -7.67 27.63 -12.55
CA THR B 27 -8.03 27.52 -13.95
C THR B 27 -7.25 26.34 -14.50
N HIS B 28 -7.57 25.94 -15.72
CA HIS B 28 -6.89 24.81 -16.33
C HIS B 28 -5.42 25.15 -16.50
N SER B 29 -5.12 26.38 -16.93
CA SER B 29 -3.72 26.80 -17.07
C SER B 29 -3.01 26.73 -15.73
N GLU B 30 -3.65 27.29 -14.70
CA GLU B 30 -3.08 27.31 -13.34
C GLU B 30 -2.68 25.91 -12.91
N VAL B 31 -3.50 24.92 -13.24
CA VAL B 31 -3.20 23.54 -12.87
C VAL B 31 -2.11 22.93 -13.77
N GLU B 32 -2.17 23.24 -15.06
CA GLU B 32 -1.21 22.72 -16.02
C GLU B 32 0.19 23.26 -15.74
N LYS B 33 0.24 24.52 -15.31
CA LYS B 33 1.49 25.18 -14.97
C LYS B 33 2.07 24.57 -13.69
N ALA B 34 1.21 24.35 -12.70
CA ALA B 34 1.59 23.75 -11.41
C ALA B 34 2.26 22.38 -11.62
N PHE B 35 1.61 21.51 -12.37
CA PHE B 35 2.16 20.19 -12.63
C PHE B 35 3.41 20.24 -13.51
N LYS B 36 3.38 21.05 -14.57
CA LYS B 36 4.53 21.14 -15.46
C LYS B 36 5.75 21.69 -14.72
N LYS B 37 5.52 22.65 -13.83
CA LYS B 37 6.57 23.23 -13.03
C LYS B 37 7.02 22.16 -12.04
N ALA B 38 6.06 21.38 -11.57
CA ALA B 38 6.33 20.31 -10.62
C ALA B 38 7.24 19.21 -11.20
N PHE B 39 7.04 18.85 -12.46
CA PHE B 39 7.87 17.81 -13.10
C PHE B 39 9.23 18.39 -13.45
N LYS B 40 9.24 19.68 -13.75
CA LYS B 40 10.46 20.41 -14.11
C LYS B 40 11.41 20.36 -12.94
N VAL B 41 10.85 20.31 -11.74
CA VAL B 41 11.65 20.26 -10.52
C VAL B 41 12.61 19.05 -10.58
N TRP B 42 12.05 17.90 -10.93
CA TRP B 42 12.81 16.68 -11.03
C TRP B 42 13.61 16.51 -12.31
N SER B 43 13.02 16.84 -13.45
CA SER B 43 13.68 16.70 -14.74
C SER B 43 14.94 17.57 -14.87
N ASP B 44 14.91 18.71 -14.19
CA ASP B 44 16.02 19.64 -14.22
C ASP B 44 17.27 19.03 -13.60
N VAL B 45 17.08 18.12 -12.64
CA VAL B 45 18.22 17.49 -11.97
C VAL B 45 18.41 15.98 -12.25
N THR B 46 17.89 15.49 -13.37
CA THR B 46 18.00 14.06 -13.74
C THR B 46 17.87 13.94 -15.25
N PRO B 47 17.83 12.71 -15.77
CA PRO B 47 17.68 12.48 -17.22
C PRO B 47 16.18 12.23 -17.55
N LEU B 48 15.32 12.32 -16.54
CA LEU B 48 13.90 12.10 -16.72
C LEU B 48 13.25 13.14 -17.63
N ASN B 49 12.35 12.67 -18.48
CA ASN B 49 11.62 13.52 -19.42
C ASN B 49 10.15 13.27 -19.14
N PHE B 50 9.35 14.33 -19.18
CA PHE B 50 7.92 14.18 -18.91
C PHE B 50 7.08 14.75 -20.03
N THR B 51 6.32 13.89 -20.69
CA THR B 51 5.47 14.30 -21.79
C THR B 51 4.00 14.23 -21.39
N ARG B 52 3.32 15.36 -21.50
CA ARG B 52 1.90 15.46 -21.15
C ARG B 52 1.05 14.80 -22.23
N LEU B 53 0.15 13.93 -21.79
CA LEU B 53 -0.75 13.21 -22.68
C LEU B 53 -2.19 13.67 -22.42
N HIS B 54 -2.87 14.07 -23.47
CA HIS B 54 -4.25 14.53 -23.34
C HIS B 54 -5.21 13.36 -23.18
N ASP B 55 -5.01 12.32 -23.97
CA ASP B 55 -5.89 11.16 -23.92
C ASP B 55 -5.16 9.87 -23.69
N GLY B 56 -5.89 8.90 -23.18
CA GLY B 56 -5.35 7.58 -22.93
C GLY B 56 -4.63 7.33 -21.63
N ILE B 57 -3.84 6.26 -21.65
CA ILE B 57 -3.03 5.82 -20.53
C ILE B 57 -1.73 6.61 -20.50
N ALA B 58 -1.32 7.03 -19.32
CA ALA B 58 -0.09 7.79 -19.14
C ALA B 58 0.58 7.18 -17.92
N ASP B 59 1.92 7.18 -17.92
CA ASP B 59 2.73 6.62 -16.83
C ASP B 59 2.29 7.14 -15.48
N ILE B 60 1.96 8.41 -15.41
CA ILE B 60 1.45 9.00 -14.18
C ILE B 60 0.13 9.73 -14.44
N MET B 61 -0.94 9.14 -13.95
CA MET B 61 -2.28 9.67 -14.08
C MET B 61 -2.56 10.59 -12.91
N ILE B 62 -2.72 11.87 -13.22
CA ILE B 62 -3.00 12.88 -12.20
C ILE B 62 -4.51 13.10 -12.09
N SER B 63 -5.05 12.89 -10.90
CA SER B 63 -6.46 13.06 -10.68
C SER B 63 -6.83 13.75 -9.37
N PHE B 64 -7.98 14.44 -9.41
CA PHE B 64 -8.52 15.13 -8.25
C PHE B 64 -9.76 14.37 -7.86
N GLY B 65 -9.88 14.03 -6.59
CA GLY B 65 -11.02 13.29 -6.11
C GLY B 65 -11.23 13.54 -4.64
N ILE B 66 -12.41 13.21 -4.12
CA ILE B 66 -12.68 13.40 -2.70
C ILE B 66 -13.11 12.07 -2.11
N LYS B 67 -12.82 11.86 -0.82
CA LYS B 67 -13.20 10.64 -0.13
C LYS B 67 -12.80 9.39 -0.91
N GLU B 68 -13.73 8.45 -1.08
CA GLU B 68 -13.44 7.23 -1.81
C GLU B 68 -13.41 7.59 -3.30
N HIS B 69 -12.25 7.44 -3.92
CA HIS B 69 -12.08 7.79 -5.31
C HIS B 69 -11.60 6.67 -6.23
N GLY B 70 -11.79 5.42 -5.80
CA GLY B 70 -11.40 4.30 -6.65
C GLY B 70 -10.25 3.45 -6.18
N ASP B 71 -9.55 3.90 -5.16
CA ASP B 71 -8.44 3.15 -4.56
C ASP B 71 -8.92 3.15 -3.12
N PHE B 72 -8.73 2.06 -2.39
CA PHE B 72 -9.25 2.08 -1.04
C PHE B 72 -8.42 2.81 0.03
N TYR B 73 -7.85 3.93 -0.39
CA TYR B 73 -7.08 4.80 0.46
C TYR B 73 -7.92 6.07 0.37
N PRO B 74 -9.03 6.11 1.13
CA PRO B 74 -9.91 7.27 1.10
C PRO B 74 -9.32 8.55 1.64
N PHE B 75 -9.68 9.64 0.99
CA PHE B 75 -9.23 10.94 1.40
C PHE B 75 -10.09 11.32 2.61
N ASP B 76 -9.46 12.03 3.56
CA ASP B 76 -10.11 12.45 4.78
C ASP B 76 -10.96 13.70 4.63
N GLY B 77 -11.06 14.22 3.42
CA GLY B 77 -11.85 15.42 3.25
C GLY B 77 -10.98 16.63 3.54
N PRO B 78 -11.60 17.79 3.78
CA PRO B 78 -10.93 19.06 4.08
C PRO B 78 -9.81 18.88 5.08
N SER B 79 -8.68 19.51 4.79
CA SER B 79 -7.47 19.42 5.60
C SER B 79 -7.02 17.97 5.78
N GLY B 80 -6.15 17.76 6.76
CA GLY B 80 -5.62 16.44 7.04
C GLY B 80 -4.83 15.96 5.84
N LEU B 81 -5.16 14.78 5.34
CA LEU B 81 -4.50 14.18 4.17
C LEU B 81 -4.82 15.09 3.00
N LEU B 82 -3.78 15.41 2.23
CA LEU B 82 -3.91 16.30 1.09
C LEU B 82 -3.82 15.60 -0.26
N ALA B 83 -2.89 14.65 -0.36
CA ALA B 83 -2.68 13.94 -1.61
C ALA B 83 -1.84 12.70 -1.40
N HIS B 84 -2.00 11.72 -2.27
CA HIS B 84 -1.21 10.50 -2.20
C HIS B 84 -0.82 10.01 -3.59
N ALA B 85 0.41 9.50 -3.71
CA ALA B 85 0.95 8.99 -4.97
C ALA B 85 1.60 7.60 -4.81
N PHE B 86 1.50 6.79 -5.86
CA PHE B 86 2.03 5.44 -5.86
C PHE B 86 3.40 5.44 -6.52
N PRO B 87 4.31 4.55 -6.06
CA PRO B 87 5.68 4.42 -6.57
C PRO B 87 5.73 4.02 -8.04
N PRO B 88 6.93 4.01 -8.65
CA PRO B 88 7.07 3.62 -10.06
C PRO B 88 6.53 2.20 -10.22
N GLY B 89 5.87 1.94 -11.34
CA GLY B 89 5.32 0.62 -11.56
C GLY B 89 4.16 0.64 -12.53
N PRO B 90 3.58 -0.53 -12.85
CA PRO B 90 2.44 -0.62 -13.78
C PRO B 90 1.10 -0.22 -13.15
N ASN B 91 0.15 0.13 -14.01
CA ASN B 91 -1.18 0.51 -13.58
C ASN B 91 -1.09 1.70 -12.60
N TYR B 92 -1.66 1.50 -11.41
CA TYR B 92 -1.68 2.46 -10.29
C TYR B 92 -0.35 3.18 -10.02
N GLY B 93 0.76 2.50 -10.29
CA GLY B 93 2.07 3.05 -10.08
C GLY B 93 2.28 4.41 -10.76
N GLY B 94 3.02 5.28 -10.10
CA GLY B 94 3.29 6.59 -10.64
C GLY B 94 2.16 7.57 -10.41
N ASP B 95 0.94 7.05 -10.31
CA ASP B 95 -0.25 7.88 -10.12
C ASP B 95 -0.33 8.71 -8.86
N ALA B 96 -0.80 9.94 -9.03
CA ALA B 96 -0.92 10.90 -7.95
C ALA B 96 -2.34 11.47 -7.89
N HIS B 97 -2.96 11.40 -6.71
CA HIS B 97 -4.31 11.92 -6.53
C HIS B 97 -4.24 13.12 -5.61
N PHE B 98 -5.13 14.09 -5.83
CA PHE B 98 -5.18 15.27 -5.00
C PHE B 98 -6.56 15.39 -4.36
N ASP B 99 -6.60 15.45 -3.03
CA ASP B 99 -7.84 15.57 -2.27
C ASP B 99 -8.54 16.84 -2.69
N ASP B 100 -9.53 16.72 -3.56
CA ASP B 100 -10.24 17.89 -4.00
C ASP B 100 -11.11 18.50 -2.90
N ASP B 101 -10.96 17.99 -1.69
CA ASP B 101 -11.69 18.57 -0.56
C ASP B 101 -10.78 19.59 0.07
N GLU B 102 -9.64 19.84 -0.58
CA GLU B 102 -8.68 20.82 -0.13
C GLU B 102 -8.77 22.01 -1.08
N THR B 103 -8.45 23.20 -0.60
CA THR B 103 -8.49 24.38 -1.44
C THR B 103 -7.13 24.51 -2.10
N TRP B 104 -7.06 24.12 -3.36
CA TRP B 104 -5.83 24.17 -4.13
C TRP B 104 -5.60 25.56 -4.67
N THR B 105 -4.35 26.00 -4.62
CA THR B 105 -4.03 27.34 -5.07
C THR B 105 -2.66 27.43 -5.73
N SER B 106 -2.46 28.53 -6.44
CA SER B 106 -1.20 28.82 -7.10
C SER B 106 -0.34 29.59 -6.10
N SER B 107 -0.97 30.35 -5.24
CA SER B 107 -0.26 31.12 -4.24
C SER B 107 -0.36 30.46 -2.87
N SER B 108 -0.73 31.26 -1.86
CA SER B 108 -0.81 30.78 -0.48
C SER B 108 -2.17 30.62 0.22
N LYS B 109 -3.25 31.13 -0.34
CA LYS B 109 -4.58 31.01 0.30
C LYS B 109 -4.84 29.67 0.96
N GLY B 110 -4.69 28.58 0.22
CA GLY B 110 -4.91 27.26 0.79
C GLY B 110 -3.68 26.38 0.69
N TYR B 111 -3.71 25.40 -0.21
CA TYR B 111 -2.58 24.52 -0.43
C TYR B 111 -2.06 24.70 -1.83
N ASN B 112 -0.82 25.17 -1.91
CA ASN B 112 -0.15 25.40 -3.17
C ASN B 112 -0.03 24.09 -3.93
N LEU B 113 -0.65 24.03 -5.10
CA LEU B 113 -0.63 22.84 -5.92
C LEU B 113 0.78 22.44 -6.37
N PHE B 114 1.54 23.39 -6.91
CA PHE B 114 2.89 23.13 -7.39
C PHE B 114 3.71 22.43 -6.30
N LEU B 115 3.66 22.97 -5.10
CA LEU B 115 4.41 22.40 -4.00
C LEU B 115 4.01 20.97 -3.67
N VAL B 116 2.71 20.73 -3.58
CA VAL B 116 2.20 19.40 -3.26
C VAL B 116 2.48 18.41 -4.39
N ALA B 117 2.29 18.84 -5.63
CA ALA B 117 2.54 18.01 -6.80
C ALA B 117 4.02 17.60 -6.90
N ALA B 118 4.93 18.53 -6.62
CA ALA B 118 6.36 18.23 -6.66
C ALA B 118 6.65 17.07 -5.68
N HIS B 119 6.22 17.20 -4.44
CA HIS B 119 6.39 16.17 -3.40
C HIS B 119 5.78 14.86 -3.89
N GLU B 120 4.56 14.94 -4.38
CA GLU B 120 3.84 13.77 -4.90
C GLU B 120 4.58 13.09 -6.05
N PHE B 121 5.17 13.87 -6.95
CA PHE B 121 5.89 13.30 -8.08
C PHE B 121 7.17 12.68 -7.58
N GLY B 122 7.61 13.10 -6.40
CA GLY B 122 8.79 12.53 -5.82
C GLY B 122 8.43 11.07 -5.60
N HIS B 123 7.30 10.83 -4.96
CA HIS B 123 6.82 9.48 -4.69
C HIS B 123 6.65 8.68 -6.01
N SER B 124 6.19 9.38 -7.06
CA SER B 124 5.96 8.79 -8.38
C SER B 124 7.26 8.29 -8.99
N LEU B 125 8.34 9.03 -8.74
CA LEU B 125 9.66 8.67 -9.25
C LEU B 125 10.39 7.71 -8.33
N GLY B 126 9.78 7.41 -7.19
CA GLY B 126 10.35 6.46 -6.24
C GLY B 126 10.97 7.04 -4.99
N LEU B 127 10.75 8.33 -4.73
CA LEU B 127 11.31 8.98 -3.55
C LEU B 127 10.55 8.76 -2.29
N ASP B 128 11.26 8.23 -1.31
CA ASP B 128 10.73 7.96 0.02
C ASP B 128 10.54 9.30 0.74
N HIS B 129 9.82 9.32 1.85
CA HIS B 129 9.67 10.54 2.64
C HIS B 129 11.07 10.80 3.23
N SER B 130 11.51 12.06 3.20
CA SER B 130 12.82 12.42 3.75
C SER B 130 12.74 12.70 5.25
N LYS B 131 13.90 12.65 5.88
CA LYS B 131 14.00 12.90 7.32
C LYS B 131 14.62 14.29 7.50
N ASP B 132 15.13 14.87 6.41
CA ASP B 132 15.72 16.20 6.42
C ASP B 132 14.58 17.21 6.49
N PRO B 133 14.49 17.96 7.58
CA PRO B 133 13.43 18.97 7.80
C PRO B 133 13.32 19.98 6.67
N GLY B 134 14.38 20.15 5.88
CA GLY B 134 14.35 21.11 4.79
C GLY B 134 14.41 20.46 3.42
N ALA B 135 13.65 19.38 3.25
CA ALA B 135 13.59 18.63 2.00
C ALA B 135 12.14 18.66 1.52
N LEU B 136 11.93 18.67 0.20
CA LEU B 136 10.58 18.70 -0.37
C LEU B 136 9.89 17.38 -0.08
N MET B 137 10.67 16.31 0.01
CA MET B 137 10.09 15.00 0.29
C MET B 137 9.82 14.78 1.77
N PHE B 138 9.99 15.83 2.55
CA PHE B 138 9.70 15.77 3.98
C PHE B 138 8.17 15.90 4.03
N PRO B 139 7.49 14.92 4.66
CA PRO B 139 6.03 14.82 4.80
C PRO B 139 5.26 15.87 5.62
N ILE B 140 5.73 17.11 5.63
CA ILE B 140 5.03 18.17 6.37
C ILE B 140 4.87 19.34 5.40
N TYR B 141 3.65 19.82 5.22
CA TYR B 141 3.47 20.94 4.28
C TYR B 141 3.99 22.27 4.78
N THR B 142 4.82 22.88 3.95
CA THR B 142 5.38 24.17 4.23
C THR B 142 5.42 24.90 2.90
N TYR B 143 5.22 26.20 2.95
CA TYR B 143 5.20 27.02 1.76
C TYR B 143 5.93 28.28 2.16
N THR B 144 7.00 28.62 1.45
CA THR B 144 7.79 29.81 1.77
C THR B 144 7.20 31.11 1.23
N GLY B 145 6.44 31.02 0.14
CA GLY B 145 5.88 32.21 -0.46
C GLY B 145 6.75 32.76 -1.55
N LYS B 146 8.01 32.32 -1.59
CA LYS B 146 8.98 32.75 -2.59
C LYS B 146 8.49 32.38 -3.99
N SER B 147 8.81 33.21 -4.97
CA SER B 147 8.38 32.94 -6.35
C SER B 147 9.41 32.14 -7.16
N HIS B 148 10.17 31.28 -6.49
CA HIS B 148 11.17 30.45 -7.14
C HIS B 148 11.33 29.21 -6.26
N PHE B 149 11.56 28.06 -6.88
CA PHE B 149 11.75 26.85 -6.10
C PHE B 149 13.10 26.18 -6.35
N MET B 150 13.80 25.95 -5.25
CA MET B 150 15.09 25.30 -5.27
C MET B 150 14.81 23.91 -4.72
N LEU B 151 15.28 22.90 -5.42
CA LEU B 151 15.10 21.54 -4.95
C LEU B 151 16.16 21.38 -3.86
N PRO B 152 15.74 21.01 -2.64
CA PRO B 152 16.74 20.83 -1.58
C PRO B 152 17.75 19.77 -2.00
N ASP B 153 19.00 19.93 -1.56
CA ASP B 153 20.08 19.00 -1.90
C ASP B 153 19.70 17.56 -1.51
N ASP B 154 18.91 17.42 -0.45
CA ASP B 154 18.48 16.10 -0.02
C ASP B 154 17.70 15.43 -1.15
N ASP B 155 16.82 16.21 -1.77
CA ASP B 155 16.00 15.71 -2.86
C ASP B 155 16.80 15.43 -4.12
N VAL B 156 17.67 16.37 -4.48
CA VAL B 156 18.51 16.20 -5.67
C VAL B 156 19.34 14.92 -5.53
N GLN B 157 19.84 14.67 -4.32
CA GLN B 157 20.61 13.47 -4.02
C GLN B 157 19.76 12.21 -4.12
N GLY B 158 18.65 12.20 -3.39
CA GLY B 158 17.76 11.05 -3.40
C GLY B 158 17.27 10.64 -4.78
N ILE B 159 16.82 11.61 -5.57
CA ILE B 159 16.30 11.32 -6.91
C ILE B 159 17.42 10.87 -7.83
N GLN B 160 18.56 11.56 -7.75
CA GLN B 160 19.71 11.22 -8.57
C GLN B 160 20.34 9.89 -8.19
N SER B 161 20.09 9.43 -6.97
CA SER B 161 20.64 8.14 -6.53
C SER B 161 19.81 7.05 -7.21
N LEU B 162 18.75 7.48 -7.90
CA LEU B 162 17.87 6.58 -8.61
C LEU B 162 18.03 6.66 -10.11
N TYR B 163 18.07 7.87 -10.65
CA TYR B 163 18.16 8.04 -12.10
C TYR B 163 19.41 8.73 -12.61
N GLY B 164 20.18 9.30 -11.69
CA GLY B 164 21.39 10.00 -12.07
C GLY B 164 21.17 11.48 -12.29
N PRO B 165 22.26 12.26 -12.35
CA PRO B 165 22.27 13.71 -12.57
C PRO B 165 22.18 14.01 -14.05
N GLY B 166 23.22 14.67 -14.58
CA GLY B 166 23.25 15.01 -15.99
C GLY B 166 24.67 14.83 -16.47
ZN ZN C . -3.04 -17.05 -1.21
ZN ZN D . -11.60 -8.38 1.02
CA CA E . -16.14 -18.54 -1.59
O1 CBP F . -4.48 -15.89 -0.53
N2 CBP F . -5.66 -16.24 -1.20
C3 CBP F . -5.51 -17.09 -2.21
O4 CBP F . -4.43 -17.65 -2.35
C5 CBP F . -6.72 -17.25 -3.16
C6 CBP F . -7.26 -18.68 -3.51
C7 CBP F . -6.14 -19.65 -3.99
C8 CBP F . -5.62 -19.30 -5.38
O9 CBP F . -6.72 -19.36 -6.29
C10 CBP F . -7.74 -18.42 -6.06
C11 CBP F . -8.34 -18.58 -4.65
S12 CBP F . -8.13 -19.41 -2.10
O13 CBP F . -8.95 -18.39 -1.54
O14 CBP F . -8.78 -20.62 -2.52
C15 CBP F . -6.98 -19.95 -0.85
C16 CBP F . -6.79 -19.23 0.31
C17 CBP F . -5.95 -19.73 1.29
C18 CBP F . -5.28 -20.94 1.13
C19 CBP F . -5.43 -21.63 -0.09
C20 CBP F . -6.27 -21.13 -1.07
O21 CBP F . -4.58 -21.38 2.23
C22 CBP F . -3.77 -22.50 2.20
C23 CBP F . -3.92 -23.43 3.21
C24 CBP F . -3.07 -24.53 3.30
C25 CBP F . -2.09 -24.67 2.31
C26 CBP F . -1.93 -23.76 1.27
C27 CBP F . -2.78 -22.67 1.22
CL28 CBP F . -0.97 -25.97 2.41
HO1I CBP F . -4.61 -15.10 -0.01
HN21 CBP F . -6.57 -15.93 -0.89
HC51 CBP F . -7.53 -16.65 -2.78
HC52 CBP F . -6.41 -16.76 -4.06
HC71 CBP F . -6.56 -20.65 -4.06
HC72 CBP F . -5.33 -19.73 -3.29
HC81 CBP F . -5.14 -18.34 -5.41
HC82 CBP F . -4.88 -20.03 -5.69
H101 CBP F . -8.51 -18.57 -6.82
H102 CBP F . -7.36 -17.42 -6.23
H111 CBP F . -9.05 -17.80 -4.44
H112 CBP F . -8.92 -19.49 -4.67
H161 CBP F . -7.29 -18.29 0.48
H171 CBP F . -5.80 -19.20 2.22
H191 CBP F . -4.94 -22.57 -0.30
H201 CBP F . -6.42 -21.69 -1.98
H231 CBP F . -4.69 -23.30 3.96
H241 CBP F . -3.18 -25.24 4.11
H261 CBP F . -1.17 -23.89 0.51
H271 CBP F . -2.63 -21.96 0.42
ZN ZN G . 4.32 12.33 0.75
ZN ZN H . -6.16 7.72 -4.40
CA CA I . -8.01 16.23 3.26
O1 CBP J . 1.99 11.97 -0.32
N2 CBP J . 1.24 12.21 0.84
C3 CBP J . 1.91 12.23 1.98
O4 CBP J . 3.15 12.30 1.98
C5 CBP J . 1.02 12.09 3.21
C6 CBP J . 0.78 13.33 4.16
C7 CBP J . 2.05 13.70 4.99
C8 CBP J . 2.40 12.61 6.00
O9 CBP J . 1.29 12.27 6.79
C10 CBP J . 0.11 11.84 6.14
C11 CBP J . -0.34 12.93 5.16
S12 CBP J . 0.17 14.87 3.37
O13 CBP J . -0.85 14.46 2.46
O14 CBP J . -0.20 15.80 4.39
C15 CBP J . 1.31 15.78 2.44
C16 CBP J . 1.43 15.59 1.06
C17 CBP J . 2.27 16.40 0.32
C18 CBP J . 2.98 17.40 0.94
C19 CBP J . 2.89 17.58 2.34
C20 CBP J . 2.06 16.75 3.08
O21 CBP J . 3.73 18.21 0.10
C22 CBP J . 4.76 19.01 0.56
C23 CBP J . 4.84 20.27 -0.01
C24 CBP J . 5.88 21.14 0.31
C25 CBP J . 6.81 20.72 1.25
C26 CBP J . 6.72 19.48 1.85
C27 CBP J . 5.69 18.61 1.52
CL28 CBP J . 8.13 21.77 1.66
HO1I CBP J . 1.49 12.07 -1.13
HN21 CBP J . 0.25 12.35 0.81
HC51 CBP J . 0.06 11.73 2.88
HC52 CBP J . 1.44 11.26 3.74
HC71 CBP J . 1.87 14.62 5.52
HC72 CBP J . 2.88 13.90 4.33
HC81 CBP J . 2.82 11.72 5.55
HC82 CBP J . 3.19 12.97 6.66
H101 CBP J . -0.65 11.67 6.89
H102 CBP J . 0.27 10.88 5.67
H111 CBP J . -1.24 12.64 4.63
H112 CBP J . -0.63 13.79 5.75
H161 CBP J . 0.86 14.84 0.55
H171 CBP J . 2.35 16.25 -0.75
H191 CBP J . 3.39 18.37 2.86
H201 CBP J . 1.99 16.89 4.14
H231 CBP J . 4.10 20.56 -0.74
H241 CBP J . 5.94 22.11 -0.17
H261 CBP J . 7.46 19.17 2.60
H271 CBP J . 5.66 17.63 1.98
#